data_4M54
#
_entry.id   4M54
#
_cell.length_a   63.116
_cell.length_b   63.116
_cell.length_c   159.413
_cell.angle_alpha   90.000
_cell.angle_beta   90.000
_cell.angle_gamma   90.000
#
_symmetry.space_group_name_H-M   'P 41 21 2'
#
loop_
_entity.id
_entity.type
_entity.pdbx_description
1 polymer 'Putative ornithine cyclodeaminase'
2 non-polymer '1,4-DIHYDRONICOTINAMIDE ADENINE DINUCLEOTIDE'
3 non-polymer 'CHLORIDE ION'
4 non-polymer 'N-[(2S)-2-amino-2-carboxyethyl]-L-glutamic acid'
5 water water
#
_entity_poly.entity_id   1
_entity_poly.type   'polypeptide(L)'
_entity_poly.pdbx_seq_one_letter_code
;GSHMNREMLYLNRSDIEQAGGNHSQVYVDALTEALTAHAHNDFVQPLKPYLRQDPENGHIADRIIAMPSHIGGEHAISGI
KWIGSKHDNPSKRNMERASGVIILNDPETNYPIAVMEASLISSMRTAAVSVIAAKHLAKKGFKDLTIIGCGLIGDKQLQS
MLEQFDHIERVFVYDQFSEACARFVDRWQQQRPEINFIATENAKEAVSNGEVVITCTVTDQPYIEYDWLQKGAFISNISI
MDVHKEVFIKADKVVVDDWSQCNREKKTINQLVLEGKFSKEALHAELGQLVTGDIPGREDDDEIILLNPMGMAIEDISSA
YFIYQQAQQQNIGTTLNLY
;
_entity_poly.pdbx_strand_id   A
#
loop_
_chem_comp.id
_chem_comp.type
_chem_comp.name
_chem_comp.formula
CL non-polymer 'CHLORIDE ION' 'Cl -1'
NAI non-polymer '1,4-DIHYDRONICOTINAMIDE ADENINE DINUCLEOTIDE' 'C21 H29 N7 O14 P2'
#
# COMPACT_ATOMS: atom_id res chain seq x y z
N ARG A 6 -3.56 25.10 -23.01
CA ARG A 6 -2.99 24.07 -22.17
C ARG A 6 -3.75 23.96 -20.85
N GLU A 7 -4.48 22.87 -20.67
CA GLU A 7 -5.29 22.68 -19.47
C GLU A 7 -4.81 21.54 -18.59
N MET A 8 -5.08 21.65 -17.30
CA MET A 8 -4.80 20.60 -16.34
C MET A 8 -6.06 20.32 -15.53
N LEU A 9 -6.39 19.04 -15.37
CA LEU A 9 -7.51 18.67 -14.51
C LEU A 9 -7.04 18.58 -13.07
N TYR A 10 -7.65 19.34 -12.19
CA TYR A 10 -7.35 19.24 -10.78
C TYR A 10 -8.35 18.32 -10.08
N LEU A 11 -7.84 17.41 -9.27
CA LEU A 11 -8.68 16.43 -8.58
C LEU A 11 -8.30 16.36 -7.10
N ASN A 12 -9.11 16.99 -6.25
CA ASN A 12 -8.90 16.90 -4.81
C ASN A 12 -9.31 15.52 -4.28
N ARG A 13 -9.15 15.31 -2.98
CA ARG A 13 -9.47 14.00 -2.40
C ARG A 13 -10.94 13.64 -2.56
N SER A 14 -11.81 14.63 -2.42
CA SER A 14 -13.25 14.40 -2.59
C SER A 14 -13.60 14.00 -4.02
N ASP A 15 -12.98 14.68 -4.99
CA ASP A 15 -13.19 14.34 -6.40
C ASP A 15 -12.70 12.94 -6.71
N ILE A 16 -11.56 12.57 -6.11
CA ILE A 16 -10.97 11.25 -6.30
C ILE A 16 -11.90 10.16 -5.78
N GLU A 17 -12.53 10.40 -4.62
CA GLU A 17 -13.50 9.47 -4.07
C GLU A 17 -14.71 9.33 -4.98
N GLN A 18 -15.20 10.47 -5.46
CA GLN A 18 -16.37 10.51 -6.33
C GLN A 18 -16.10 9.76 -7.63
N ALA A 19 -14.85 9.75 -8.06
CA ALA A 19 -14.45 9.04 -9.27
C ALA A 19 -14.17 7.57 -9.00
N GLY A 20 -14.37 7.14 -7.76
CA GLY A 20 -14.20 5.75 -7.39
C GLY A 20 -12.86 5.42 -6.75
N GLY A 21 -12.19 6.44 -6.21
CA GLY A 21 -10.88 6.26 -5.63
C GLY A 21 -10.88 5.84 -4.16
N ASN A 22 -12.05 5.48 -3.65
CA ASN A 22 -12.15 5.03 -2.26
C ASN A 22 -12.57 3.56 -2.17
N HIS A 23 -12.48 2.85 -3.29
CA HIS A 23 -12.66 1.41 -3.29
C HIS A 23 -11.42 0.72 -3.86
N SER A 24 -11.06 -0.41 -3.27
CA SER A 24 -9.80 -1.07 -3.60
C SER A 24 -9.69 -1.60 -5.03
N GLN A 25 -10.83 -1.95 -5.63
CA GLN A 25 -10.84 -2.65 -6.91
C GLN A 25 -10.15 -1.89 -8.04
N VAL A 26 -10.32 -0.57 -8.08
CA VAL A 26 -9.71 0.24 -9.13
C VAL A 26 -8.19 0.27 -8.99
N TYR A 27 -7.71 0.13 -7.75
CA TYR A 27 -6.28 0.11 -7.49
C TYR A 27 -5.69 -1.26 -7.80
N VAL A 28 -6.45 -2.31 -7.48
CA VAL A 28 -6.04 -3.67 -7.80
C VAL A 28 -5.92 -3.84 -9.31
N ASP A 29 -6.89 -3.28 -10.04
CA ASP A 29 -6.87 -3.31 -11.50
C ASP A 29 -5.68 -2.54 -12.07
N ALA A 30 -5.46 -1.33 -11.55
CA ALA A 30 -4.39 -0.47 -12.03
C ALA A 30 -3.01 -1.05 -11.75
N LEU A 31 -2.81 -1.56 -10.54
CA LEU A 31 -1.52 -2.14 -10.17
C LEU A 31 -1.23 -3.42 -10.95
N THR A 32 -2.27 -4.20 -11.20
CA THR A 32 -2.14 -5.45 -11.94
C THR A 32 -1.50 -5.22 -13.30
N GLU A 33 -1.98 -4.19 -14.00
CA GLU A 33 -1.43 -3.85 -15.31
C GLU A 33 -0.06 -3.20 -15.16
N ALA A 34 0.11 -2.39 -14.12
CA ALA A 34 1.39 -1.73 -13.87
C ALA A 34 2.48 -2.71 -13.46
N LEU A 35 2.13 -3.65 -12.58
CA LEU A 35 3.09 -4.65 -12.13
C LEU A 35 3.44 -5.60 -13.27
N THR A 36 2.51 -5.77 -14.20
CA THR A 36 2.77 -6.55 -15.40
C THR A 36 3.78 -5.82 -16.27
N ALA A 37 3.63 -4.51 -16.36
CA ALA A 37 4.54 -3.67 -17.13
C ALA A 37 5.92 -3.63 -16.48
N HIS A 38 5.94 -3.71 -15.15
CA HIS A 38 7.18 -3.72 -14.39
C HIS A 38 7.98 -4.99 -14.67
N ALA A 39 7.27 -6.11 -14.74
CA ALA A 39 7.91 -7.40 -15.00
C ALA A 39 8.48 -7.46 -16.42
N HIS A 40 7.79 -6.81 -17.35
CA HIS A 40 8.24 -6.76 -18.74
C HIS A 40 9.21 -5.60 -18.97
N ASN A 41 9.60 -4.95 -17.88
CA ASN A 41 10.59 -3.87 -17.92
C ASN A 41 10.20 -2.71 -18.84
N ASP A 42 8.89 -2.50 -19.00
CA ASP A 42 8.40 -1.42 -19.83
C ASP A 42 8.08 -0.19 -18.98
N PHE A 43 9.09 0.28 -18.26
CA PHE A 43 8.92 1.42 -17.37
C PHE A 43 10.27 2.10 -17.14
N VAL A 44 10.22 3.35 -16.68
CA VAL A 44 11.42 4.06 -16.24
C VAL A 44 11.15 4.60 -14.83
N GLN A 45 12.01 4.24 -13.89
CA GLN A 45 11.79 4.61 -12.50
C GLN A 45 13.09 4.95 -11.78
N PRO A 46 13.45 6.24 -11.77
CA PRO A 46 14.66 6.72 -11.11
C PRO A 46 14.61 6.48 -9.60
N LEU A 47 15.76 6.55 -8.94
CA LEU A 47 15.80 6.46 -7.49
C LEU A 47 15.10 7.68 -6.92
N LYS A 48 14.29 7.48 -5.88
CA LYS A 48 13.56 8.58 -5.27
C LYS A 48 14.40 9.32 -4.23
N PRO A 49 14.60 10.62 -4.43
CA PRO A 49 15.36 11.44 -3.49
C PRO A 49 14.54 11.82 -2.26
N TYR A 50 15.14 11.72 -1.09
CA TYR A 50 14.49 12.13 0.15
C TYR A 50 14.87 13.56 0.50
N LEU A 51 13.87 14.37 0.86
CA LEU A 51 14.13 15.73 1.31
C LEU A 51 13.90 15.84 2.81
N ARG A 52 14.99 15.87 3.56
CA ARG A 52 14.91 16.00 5.02
C ARG A 52 15.49 17.33 5.48
N GLN A 53 14.77 18.01 6.36
CA GLN A 53 15.21 19.30 6.87
C GLN A 53 15.87 19.18 8.23
N HIS A 59 13.74 12.79 12.39
CA HIS A 59 12.84 11.64 12.51
C HIS A 59 12.67 10.94 11.16
N ILE A 60 12.37 9.64 11.21
CA ILE A 60 12.26 8.84 10.00
C ILE A 60 11.01 9.21 9.18
N ALA A 61 9.94 9.59 9.87
CA ALA A 61 8.68 9.95 9.21
C ALA A 61 8.60 11.45 8.96
N ASP A 62 9.72 12.14 9.05
CA ASP A 62 9.78 13.57 8.77
C ASP A 62 10.57 13.83 7.49
N ARG A 63 9.86 13.87 6.37
CA ARG A 63 10.50 14.01 5.07
C ARG A 63 9.50 14.29 3.96
N ILE A 64 10.00 14.69 2.80
CA ILE A 64 9.19 14.74 1.60
C ILE A 64 9.94 13.98 0.50
N ILE A 65 9.24 13.05 -0.14
CA ILE A 65 9.88 12.18 -1.12
C ILE A 65 9.38 12.44 -2.53
N ALA A 66 10.31 12.65 -3.45
CA ALA A 66 9.97 12.82 -4.86
C ALA A 66 10.02 11.46 -5.55
N MET A 67 8.87 11.03 -6.09
CA MET A 67 8.79 9.71 -6.71
C MET A 67 8.33 9.78 -8.17
N PRO A 68 9.28 10.05 -9.08
CA PRO A 68 8.99 10.16 -10.53
C PRO A 68 9.07 8.81 -11.24
N SER A 69 8.23 8.63 -12.25
CA SER A 69 8.27 7.41 -13.05
C SER A 69 7.59 7.59 -14.40
N HIS A 70 7.86 6.65 -15.30
CA HIS A 70 7.21 6.60 -16.61
C HIS A 70 6.78 5.17 -16.90
N ILE A 71 5.58 5.02 -17.44
CA ILE A 71 5.08 3.71 -17.82
C ILE A 71 4.86 3.65 -19.33
N GLY A 72 5.45 2.67 -19.99
CA GLY A 72 5.40 2.56 -21.43
C GLY A 72 4.09 1.99 -21.95
N GLY A 73 3.98 1.87 -23.27
CA GLY A 73 2.80 1.33 -23.90
C GLY A 73 2.14 2.32 -24.85
N GLU A 74 1.01 1.91 -25.42
CA GLU A 74 0.24 2.79 -26.30
C GLU A 74 -0.46 3.88 -25.47
N HIS A 75 -0.84 3.52 -24.25
CA HIS A 75 -1.42 4.48 -23.32
C HIS A 75 -0.38 4.91 -22.30
N ALA A 76 0.82 5.18 -22.79
CA ALA A 76 1.95 5.54 -21.94
C ALA A 76 1.66 6.80 -21.11
N ILE A 77 2.17 6.82 -19.88
CA ILE A 77 1.95 7.94 -18.99
C ILE A 77 3.20 8.21 -18.16
N SER A 78 3.40 9.48 -17.81
CA SER A 78 4.51 9.87 -16.94
C SER A 78 3.97 10.66 -15.76
N GLY A 79 4.80 10.86 -14.74
CA GLY A 79 4.39 11.65 -13.60
C GLY A 79 5.27 11.50 -12.38
N ILE A 80 4.87 12.15 -11.29
CA ILE A 80 5.61 12.10 -10.04
C ILE A 80 4.65 12.19 -8.85
N LYS A 81 5.00 11.51 -7.76
CA LYS A 81 4.31 11.73 -6.50
C LYS A 81 5.22 12.53 -5.59
N TRP A 82 4.74 13.69 -5.16
CA TRP A 82 5.50 14.57 -4.28
C TRP A 82 4.85 14.53 -2.91
N ILE A 83 5.26 13.56 -2.10
CA ILE A 83 4.55 13.26 -0.86
C ILE A 83 5.36 13.58 0.39
N GLY A 84 4.80 14.44 1.24
CA GLY A 84 5.46 14.87 2.45
C GLY A 84 4.97 14.11 3.66
N SER A 85 5.71 14.20 4.76
CA SER A 85 5.35 13.50 5.97
C SER A 85 5.90 14.17 7.23
N LYS A 86 5.09 14.17 8.28
CA LYS A 86 5.49 14.63 9.59
C LYS A 86 4.82 13.75 10.63
N HIS A 87 5.62 13.04 11.42
CA HIS A 87 5.09 12.11 12.42
C HIS A 87 4.29 12.83 13.49
N ASP A 88 4.53 14.14 13.61
CA ASP A 88 3.88 14.97 14.62
C ASP A 88 2.47 15.41 14.22
N ASN A 89 2.18 15.39 12.92
CA ASN A 89 0.93 15.91 12.38
C ASN A 89 -0.36 15.43 13.08
N PRO A 90 -0.54 14.10 13.26
CA PRO A 90 -1.75 13.69 13.99
C PRO A 90 -1.67 14.04 15.47
N SER A 91 -0.47 13.92 16.04
CA SER A 91 -0.27 14.15 17.47
C SER A 91 -0.55 15.59 17.89
N LYS A 92 0.13 16.55 17.27
CA LYS A 92 0.11 17.93 17.74
C LYS A 92 -0.77 18.87 16.92
N ARG A 93 -1.26 18.41 15.78
CA ARG A 93 -1.98 19.31 14.87
C ARG A 93 -3.32 18.75 14.38
N ASN A 94 -3.60 17.50 14.71
CA ASN A 94 -4.80 16.81 14.24
C ASN A 94 -4.89 16.81 12.71
N MET A 95 -3.74 16.64 12.07
CA MET A 95 -3.66 16.54 10.62
C MET A 95 -3.08 15.18 10.28
N GLU A 96 -3.36 14.68 9.07
CA GLU A 96 -2.78 13.41 8.66
C GLU A 96 -1.26 13.53 8.52
N ARG A 97 -0.55 12.48 8.89
CA ARG A 97 0.91 12.45 8.81
C ARG A 97 1.38 12.76 7.40
N ALA A 98 0.86 12.00 6.44
CA ALA A 98 1.26 12.14 5.05
C ALA A 98 0.32 13.05 4.27
N SER A 99 0.89 13.79 3.33
CA SER A 99 0.13 14.62 2.41
C SER A 99 0.94 14.79 1.14
N GLY A 100 0.35 15.38 0.11
CA GLY A 100 1.08 15.65 -1.12
C GLY A 100 0.23 15.64 -2.36
N VAL A 101 0.89 15.85 -3.50
CA VAL A 101 0.19 15.90 -4.77
C VAL A 101 0.79 14.92 -5.77
N ILE A 102 -0.03 14.49 -6.73
CA ILE A 102 0.43 13.69 -7.85
C ILE A 102 0.23 14.47 -9.13
N ILE A 103 1.29 14.60 -9.91
CA ILE A 103 1.21 15.27 -11.20
C ILE A 103 1.35 14.23 -12.31
N LEU A 104 0.47 14.31 -13.29
CA LEU A 104 0.53 13.43 -14.44
C LEU A 104 1.03 14.22 -15.64
N ASN A 105 1.76 13.53 -16.53
CA ASN A 105 2.35 14.20 -17.70
C ASN A 105 2.16 13.41 -18.98
N ASP A 106 1.81 14.11 -20.04
CA ASP A 106 1.71 13.52 -21.37
C ASP A 106 3.10 13.23 -21.92
N PRO A 107 3.44 11.96 -22.11
CA PRO A 107 4.76 11.52 -22.56
C PRO A 107 5.19 12.11 -23.90
N GLU A 108 4.23 12.53 -24.71
CA GLU A 108 4.54 13.11 -26.02
C GLU A 108 5.17 14.49 -25.90
N THR A 109 4.67 15.29 -24.98
CA THR A 109 5.15 16.65 -24.82
C THR A 109 5.79 16.88 -23.46
N ASN A 110 5.63 15.90 -22.57
CA ASN A 110 6.06 16.01 -21.16
C ASN A 110 5.36 17.13 -20.38
N TYR A 111 4.37 17.75 -21.01
CA TYR A 111 3.56 18.78 -20.34
C TYR A 111 2.70 18.14 -19.25
N PRO A 112 2.46 18.89 -18.17
CA PRO A 112 1.57 18.41 -17.10
C PRO A 112 0.12 18.45 -17.56
N ILE A 113 -0.64 17.39 -17.27
CA ILE A 113 -2.04 17.34 -17.68
C ILE A 113 -2.98 17.15 -16.49
N ALA A 114 -2.42 16.88 -15.31
CA ALA A 114 -3.23 16.66 -14.12
C ALA A 114 -2.48 16.96 -12.82
N VAL A 115 -3.19 17.59 -11.89
CA VAL A 115 -2.69 17.80 -10.54
C VAL A 115 -3.67 17.15 -9.57
N MET A 116 -3.21 16.15 -8.82
CA MET A 116 -4.09 15.35 -7.99
C MET A 116 -3.56 15.18 -6.57
N GLU A 117 -4.48 15.20 -5.60
CA GLU A 117 -4.16 14.92 -4.21
C GLU A 117 -3.62 13.50 -4.11
N ALA A 118 -2.66 13.28 -3.20
CA ALA A 118 -1.91 12.03 -3.20
C ALA A 118 -2.15 11.08 -2.03
N SER A 119 -2.49 11.62 -0.85
CA SER A 119 -2.57 10.81 0.36
C SER A 119 -3.54 9.62 0.25
N LEU A 120 -4.74 9.86 -0.25
CA LEU A 120 -5.72 8.81 -0.42
C LEU A 120 -5.24 7.75 -1.43
N ILE A 121 -4.79 8.22 -2.59
CA ILE A 121 -4.28 7.33 -3.63
C ILE A 121 -3.10 6.51 -3.13
N SER A 122 -2.19 7.17 -2.41
CA SER A 122 -1.02 6.51 -1.85
C SER A 122 -1.40 5.38 -0.89
N SER A 123 -2.32 5.67 0.03
CA SER A 123 -2.73 4.68 1.03
C SER A 123 -3.50 3.52 0.40
N MET A 124 -4.26 3.81 -0.63
CA MET A 124 -5.08 2.79 -1.28
C MET A 124 -4.29 1.88 -2.22
N ARG A 125 -3.28 2.42 -2.89
CA ARG A 125 -2.44 1.59 -3.74
C ARG A 125 -1.55 0.69 -2.88
N THR A 126 -1.17 1.19 -1.70
CA THR A 126 -0.36 0.43 -0.77
C THR A 126 -1.16 -0.76 -0.24
N ALA A 127 -2.44 -0.54 0.01
CA ALA A 127 -3.33 -1.61 0.44
C ALA A 127 -3.55 -2.60 -0.69
N ALA A 128 -3.55 -2.09 -1.92
CA ALA A 128 -3.73 -2.94 -3.10
C ALA A 128 -2.51 -3.83 -3.30
N VAL A 129 -1.34 -3.34 -2.90
CA VAL A 129 -0.12 -4.13 -2.97
C VAL A 129 -0.26 -5.36 -2.06
N SER A 130 -0.82 -5.15 -0.87
CA SER A 130 -1.02 -6.24 0.07
C SER A 130 -2.05 -7.24 -0.43
N VAL A 131 -3.13 -6.73 -1.01
CA VAL A 131 -4.18 -7.58 -1.56
C VAL A 131 -3.64 -8.48 -2.68
N ILE A 132 -2.93 -7.85 -3.62
CA ILE A 132 -2.36 -8.57 -4.76
C ILE A 132 -1.35 -9.62 -4.31
N ALA A 133 -0.50 -9.26 -3.36
CA ALA A 133 0.49 -10.18 -2.83
C ALA A 133 -0.20 -11.33 -2.10
N ALA A 134 -1.30 -11.04 -1.43
CA ALA A 134 -2.05 -12.04 -0.69
C ALA A 134 -2.70 -13.06 -1.64
N LYS A 135 -3.06 -12.61 -2.83
CA LYS A 135 -3.65 -13.50 -3.83
C LYS A 135 -2.67 -14.60 -4.22
N HIS A 136 -1.38 -14.28 -4.22
CA HIS A 136 -0.34 -15.22 -4.61
C HIS A 136 0.36 -15.88 -3.42
N LEU A 137 0.47 -15.16 -2.32
CA LEU A 137 1.33 -15.59 -1.21
C LEU A 137 0.57 -16.04 0.04
N ALA A 138 -0.66 -15.58 0.20
CA ALA A 138 -1.46 -15.99 1.35
C ALA A 138 -2.20 -17.29 1.06
N LYS A 139 -2.55 -18.02 2.11
CA LYS A 139 -3.32 -19.25 1.96
C LYS A 139 -4.71 -18.94 1.40
N LYS A 140 -5.23 -19.86 0.60
CA LYS A 140 -6.56 -19.72 0.04
C LYS A 140 -7.61 -19.74 1.15
N GLY A 141 -8.48 -18.74 1.18
CA GLY A 141 -9.54 -18.68 2.16
C GLY A 141 -9.08 -18.49 3.59
N PHE A 142 -7.99 -17.75 3.77
CA PHE A 142 -7.49 -17.44 5.11
C PHE A 142 -8.56 -16.67 5.87
N LYS A 143 -8.62 -16.88 7.19
CA LYS A 143 -9.72 -16.32 7.96
C LYS A 143 -9.26 -15.33 9.04
N ASP A 144 -8.01 -15.43 9.46
CA ASP A 144 -7.47 -14.54 10.49
C ASP A 144 -6.51 -13.50 9.91
N LEU A 145 -6.87 -12.23 10.07
CA LEU A 145 -6.02 -11.12 9.61
C LEU A 145 -5.45 -10.37 10.81
N THR A 146 -4.20 -9.91 10.69
CA THR A 146 -3.58 -9.14 11.76
C THR A 146 -3.05 -7.80 11.27
N ILE A 147 -3.41 -6.73 11.97
CA ILE A 147 -2.95 -5.38 11.65
C ILE A 147 -2.18 -4.80 12.83
N ILE A 148 -0.98 -4.30 12.58
CA ILE A 148 -0.24 -3.58 13.62
C ILE A 148 -0.04 -2.13 13.20
N GLY A 149 -0.64 -1.21 13.95
CA GLY A 149 -0.62 0.18 13.59
C GLY A 149 -2.00 0.61 13.13
N CYS A 150 -2.67 1.42 13.94
CA CYS A 150 -4.04 1.82 13.68
C CYS A 150 -4.14 3.22 13.10
N GLY A 151 -3.16 3.59 12.28
CA GLY A 151 -3.15 4.89 11.66
C GLY A 151 -3.92 4.91 10.35
N LEU A 152 -3.60 5.87 9.50
CA LEU A 152 -4.28 6.04 8.22
C LEU A 152 -4.02 4.84 7.30
N ILE A 153 -2.76 4.47 7.16
CA ILE A 153 -2.38 3.34 6.31
C ILE A 153 -3.03 2.04 6.77
N GLY A 154 -2.92 1.74 8.06
CA GLY A 154 -3.49 0.54 8.63
C GLY A 154 -4.99 0.43 8.41
N ASP A 155 -5.67 1.57 8.44
CA ASP A 155 -7.10 1.61 8.23
C ASP A 155 -7.48 1.23 6.81
N LYS A 156 -6.73 1.75 5.84
CA LYS A 156 -6.97 1.44 4.43
C LYS A 156 -6.53 0.01 4.09
N GLN A 157 -5.53 -0.47 4.80
CA GLN A 157 -5.10 -1.86 4.66
C GLN A 157 -6.24 -2.78 5.04
N LEU A 158 -6.87 -2.50 6.18
CA LEU A 158 -7.97 -3.31 6.67
C LEU A 158 -9.19 -3.22 5.75
N GLN A 159 -9.52 -2.01 5.32
CA GLN A 159 -10.67 -1.79 4.45
C GLN A 159 -10.55 -2.58 3.16
N SER A 160 -9.37 -2.53 2.54
CA SER A 160 -9.15 -3.18 1.25
C SER A 160 -9.20 -4.70 1.36
N MET A 161 -8.56 -5.24 2.41
CA MET A 161 -8.55 -6.68 2.63
C MET A 161 -9.96 -7.22 2.85
N LEU A 162 -10.79 -6.45 3.54
CA LEU A 162 -12.17 -6.86 3.79
C LEU A 162 -12.99 -6.83 2.50
N GLU A 163 -12.72 -5.86 1.65
CA GLU A 163 -13.42 -5.73 0.38
C GLU A 163 -13.07 -6.86 -0.57
N GLN A 164 -11.84 -7.36 -0.46
CA GLN A 164 -11.31 -8.34 -1.40
C GLN A 164 -11.38 -9.78 -0.91
N PHE A 165 -11.49 -9.96 0.40
CA PHE A 165 -11.52 -11.31 0.97
C PHE A 165 -12.72 -11.50 1.90
N ASP A 166 -13.79 -12.08 1.36
CA ASP A 166 -15.03 -12.25 2.11
C ASP A 166 -14.93 -13.35 3.18
N HIS A 167 -13.90 -14.18 3.06
CA HIS A 167 -13.73 -15.31 3.95
C HIS A 167 -13.03 -14.94 5.26
N ILE A 168 -12.63 -13.68 5.38
CA ILE A 168 -12.02 -13.18 6.61
C ILE A 168 -13.05 -13.17 7.73
N GLU A 169 -12.71 -13.81 8.85
CA GLU A 169 -13.66 -13.93 9.96
C GLU A 169 -13.20 -13.17 11.20
N ARG A 170 -11.90 -13.16 11.46
CA ARG A 170 -11.36 -12.48 12.62
C ARG A 170 -10.22 -11.54 12.26
N VAL A 171 -10.19 -10.38 12.90
CA VAL A 171 -9.12 -9.40 12.69
C VAL A 171 -8.48 -9.02 14.02
N PHE A 172 -7.21 -9.40 14.18
CA PHE A 172 -6.47 -9.09 15.40
C PHE A 172 -5.69 -7.79 15.23
N VAL A 173 -5.95 -6.83 16.11
CA VAL A 173 -5.36 -5.50 15.97
C VAL A 173 -4.53 -5.12 17.19
N TYR A 174 -3.41 -4.45 16.93
CA TYR A 174 -2.58 -3.92 18.02
C TYR A 174 -1.94 -2.58 17.65
N ASP A 175 -1.87 -1.69 18.64
CA ASP A 175 -1.15 -0.43 18.49
C ASP A 175 -0.43 -0.18 19.81
N GLN A 176 0.79 0.36 19.73
CA GLN A 176 1.56 0.66 20.94
C GLN A 176 0.83 1.66 21.82
N PHE A 177 0.06 2.53 21.16
CA PHE A 177 -0.78 3.49 21.85
C PHE A 177 -2.17 2.86 22.02
N SER A 178 -2.47 2.44 23.25
CA SER A 178 -3.70 1.69 23.55
C SER A 178 -4.98 2.36 23.06
N GLU A 179 -5.03 3.69 23.19
CA GLU A 179 -6.20 4.45 22.77
C GLU A 179 -6.42 4.40 21.26
N ALA A 180 -5.32 4.43 20.51
CA ALA A 180 -5.40 4.32 19.04
C ALA A 180 -6.00 2.98 18.63
N CYS A 181 -5.64 1.93 19.36
CA CYS A 181 -6.16 0.60 19.09
C CYS A 181 -7.64 0.49 19.47
N ALA A 182 -8.01 1.15 20.57
CA ALA A 182 -9.38 1.11 21.06
C ALA A 182 -10.37 1.78 20.10
N ARG A 183 -9.99 2.94 19.58
CA ARG A 183 -10.81 3.65 18.60
C ARG A 183 -10.99 2.82 17.35
N PHE A 184 -9.86 2.35 16.82
CA PHE A 184 -9.80 1.55 15.60
C PHE A 184 -10.75 0.35 15.66
N VAL A 185 -10.62 -0.44 16.71
CA VAL A 185 -11.43 -1.64 16.88
C VAL A 185 -12.92 -1.32 17.00
N ASP A 186 -13.24 -0.32 17.82
CA ASP A 186 -14.64 0.03 18.08
C ASP A 186 -15.40 0.47 16.82
N ARG A 187 -14.79 1.34 16.02
CA ARG A 187 -15.46 1.84 14.82
C ARG A 187 -15.60 0.76 13.75
N TRP A 188 -14.58 -0.08 13.60
CA TRP A 188 -14.62 -1.16 12.62
C TRP A 188 -15.57 -2.28 13.04
N GLN A 189 -15.77 -2.44 14.35
CA GLN A 189 -16.70 -3.42 14.86
C GLN A 189 -18.12 -3.03 14.49
N GLN A 190 -18.36 -1.73 14.38
CA GLN A 190 -19.67 -1.22 13.97
C GLN A 190 -19.87 -1.34 12.47
N GLN A 191 -18.79 -1.17 11.71
CA GLN A 191 -18.84 -1.29 10.26
C GLN A 191 -19.06 -2.75 9.84
N ARG A 192 -18.38 -3.67 10.52
CA ARG A 192 -18.53 -5.10 10.25
C ARG A 192 -18.81 -5.89 11.54
N PRO A 193 -20.08 -5.93 11.96
CA PRO A 193 -20.51 -6.57 13.21
C PRO A 193 -20.32 -8.10 13.23
N GLU A 194 -20.48 -8.75 12.07
CA GLU A 194 -20.38 -10.20 11.98
C GLU A 194 -18.93 -10.68 12.11
N ILE A 195 -18.00 -9.75 12.08
CA ILE A 195 -16.57 -10.06 12.23
C ILE A 195 -16.09 -9.66 13.64
N ASN A 196 -15.34 -10.55 14.27
CA ASN A 196 -14.80 -10.28 15.60
C ASN A 196 -13.47 -9.52 15.52
N PHE A 197 -13.50 -8.26 15.91
CA PHE A 197 -12.29 -7.45 15.97
C PHE A 197 -11.72 -7.54 17.37
N ILE A 198 -10.52 -8.11 17.48
CA ILE A 198 -9.95 -8.40 18.78
C ILE A 198 -8.76 -7.50 19.11
N ALA A 199 -8.95 -6.63 20.09
CA ALA A 199 -7.87 -5.75 20.56
C ALA A 199 -6.92 -6.55 21.45
N THR A 200 -5.71 -6.78 20.96
CA THR A 200 -4.72 -7.54 21.71
C THR A 200 -3.96 -6.62 22.66
N GLU A 201 -3.27 -7.22 23.64
CA GLU A 201 -2.56 -6.44 24.63
C GLU A 201 -1.07 -6.32 24.31
N ASN A 202 -0.59 -7.15 23.40
CA ASN A 202 0.77 -7.02 22.87
C ASN A 202 0.86 -7.39 21.39
N ALA A 203 1.98 -7.04 20.77
CA ALA A 203 2.19 -7.32 19.35
C ALA A 203 2.27 -8.81 19.08
N LYS A 204 2.89 -9.54 20.03
CA LYS A 204 3.09 -10.98 19.89
C LYS A 204 1.77 -11.73 19.80
N GLU A 205 0.81 -11.37 20.65
CA GLU A 205 -0.50 -12.01 20.65
C GLU A 205 -1.23 -11.80 19.32
N ALA A 206 -1.11 -10.58 18.79
CA ALA A 206 -1.78 -10.25 17.52
C ALA A 206 -1.15 -10.99 16.34
N VAL A 207 0.18 -10.96 16.28
CA VAL A 207 0.91 -11.58 15.16
C VAL A 207 0.79 -13.09 15.15
N SER A 208 0.87 -13.71 16.33
CA SER A 208 0.80 -15.16 16.43
C SER A 208 -0.60 -15.71 16.14
N ASN A 209 -1.58 -14.82 16.06
CA ASN A 209 -2.95 -15.24 15.75
C ASN A 209 -3.35 -14.92 14.31
N GLY A 210 -2.40 -14.44 13.51
CA GLY A 210 -2.70 -14.03 12.16
C GLY A 210 -2.16 -14.92 11.06
N GLU A 211 -3.04 -15.29 10.13
CA GLU A 211 -2.64 -16.02 8.93
C GLU A 211 -2.06 -15.03 7.93
N VAL A 212 -2.56 -13.80 7.98
CA VAL A 212 -2.00 -12.70 7.22
C VAL A 212 -1.71 -11.54 8.17
N VAL A 213 -0.46 -11.10 8.19
CA VAL A 213 -0.03 -10.06 9.11
C VAL A 213 0.47 -8.83 8.35
N ILE A 214 -0.08 -7.67 8.66
CA ILE A 214 0.31 -6.44 8.00
C ILE A 214 0.83 -5.42 8.99
N THR A 215 2.05 -4.94 8.76
CA THR A 215 2.67 -3.97 9.65
C THR A 215 2.48 -2.55 9.11
N CYS A 216 1.81 -1.70 9.90
CA CYS A 216 1.51 -0.34 9.47
C CYS A 216 1.88 0.66 10.56
N THR A 217 3.12 0.59 11.04
CA THR A 217 3.57 1.49 12.09
C THR A 217 4.55 2.51 11.53
N VAL A 218 5.21 3.25 12.42
CA VAL A 218 6.25 4.20 12.02
C VAL A 218 7.51 3.89 12.81
N THR A 219 7.67 2.64 13.20
CA THR A 219 8.79 2.22 14.04
C THR A 219 10.13 2.22 13.30
N ASP A 220 11.20 2.25 14.07
CA ASP A 220 12.55 2.32 13.53
C ASP A 220 13.35 1.10 13.96
N GLN A 221 12.75 0.29 14.83
CA GLN A 221 13.37 -0.94 15.30
C GLN A 221 12.42 -2.13 15.22
N PRO A 222 12.90 -3.26 14.69
CA PRO A 222 12.11 -4.48 14.54
C PRO A 222 11.68 -5.09 15.87
N TYR A 223 10.54 -5.78 15.85
CA TYR A 223 10.01 -6.44 17.05
C TYR A 223 9.42 -7.80 16.67
N ILE A 224 9.10 -7.97 15.39
CA ILE A 224 8.54 -9.22 14.88
C ILE A 224 9.56 -10.33 14.94
N GLU A 225 9.32 -11.33 15.78
CA GLU A 225 10.22 -12.48 15.88
C GLU A 225 9.68 -13.65 15.06
N TYR A 226 10.58 -14.50 14.59
CA TYR A 226 10.19 -15.57 13.68
C TYR A 226 9.25 -16.61 14.28
N ASP A 227 9.49 -17.02 15.52
CA ASP A 227 8.67 -18.07 16.12
C ASP A 227 7.31 -17.55 16.60
N TRP A 228 7.04 -16.27 16.34
CA TRP A 228 5.71 -15.71 16.54
C TRP A 228 4.82 -16.18 15.40
N LEU A 229 5.38 -16.19 14.20
CA LEU A 229 4.64 -16.46 12.99
C LEU A 229 4.14 -17.90 12.91
N GLN A 230 2.87 -18.06 12.58
CA GLN A 230 2.31 -19.38 12.31
C GLN A 230 2.93 -19.94 11.04
N LYS A 231 2.93 -21.27 10.91
CA LYS A 231 3.29 -21.89 9.65
C LYS A 231 2.18 -21.63 8.64
N GLY A 232 2.55 -21.26 7.42
CA GLY A 232 1.57 -20.95 6.39
C GLY A 232 1.23 -19.47 6.36
N ALA A 233 1.76 -18.72 7.32
CA ALA A 233 1.46 -17.30 7.43
C ALA A 233 2.08 -16.50 6.29
N PHE A 234 1.43 -15.39 5.96
CA PHE A 234 1.97 -14.44 4.99
C PHE A 234 2.01 -13.06 5.62
N ILE A 235 3.14 -12.39 5.52
CA ILE A 235 3.26 -11.07 6.14
C ILE A 235 3.65 -9.98 5.14
N SER A 236 2.79 -8.97 5.03
CA SER A 236 3.06 -7.82 4.17
C SER A 236 3.70 -6.72 5.01
N ASN A 237 5.02 -6.65 4.95
CA ASN A 237 5.78 -5.69 5.75
C ASN A 237 5.71 -4.28 5.18
N ILE A 238 4.54 -3.67 5.27
CA ILE A 238 4.30 -2.35 4.69
C ILE A 238 5.21 -1.27 5.30
N SER A 239 5.32 -1.25 6.63
CA SER A 239 6.12 -0.24 7.31
C SER A 239 7.61 -0.60 7.40
N ILE A 240 7.98 -1.71 6.74
CA ILE A 240 9.38 -2.06 6.51
C ILE A 240 10.21 -2.42 7.75
N MET A 241 10.24 -1.53 8.73
CA MET A 241 11.18 -1.66 9.86
C MET A 241 10.71 -2.57 10.99
N ASP A 242 9.51 -3.14 10.85
CA ASP A 242 8.91 -3.92 11.93
C ASP A 242 9.49 -5.32 12.08
N VAL A 243 10.09 -5.83 11.03
CA VAL A 243 10.48 -7.24 10.96
C VAL A 243 11.96 -7.50 11.28
N HIS A 244 12.21 -8.38 12.25
CA HIS A 244 13.58 -8.76 12.61
C HIS A 244 14.30 -9.44 11.46
N LYS A 245 15.62 -9.27 11.42
CA LYS A 245 16.45 -9.83 10.37
C LYS A 245 16.31 -11.34 10.24
N GLU A 246 16.14 -12.02 11.38
CA GLU A 246 16.03 -13.47 11.40
C GLU A 246 14.87 -13.96 10.54
N VAL A 247 13.81 -13.17 10.46
CA VAL A 247 12.64 -13.53 9.66
C VAL A 247 13.00 -13.55 8.18
N PHE A 248 13.80 -12.57 7.75
CA PHE A 248 14.27 -12.52 6.36
C PHE A 248 15.07 -13.77 6.02
N ILE A 249 15.76 -14.32 7.01
CA ILE A 249 16.59 -15.51 6.81
C ILE A 249 15.78 -16.80 6.93
N LYS A 250 14.89 -16.84 7.91
CA LYS A 250 14.14 -18.06 8.21
C LYS A 250 12.86 -18.21 7.38
N ALA A 251 12.44 -17.14 6.72
CA ALA A 251 11.26 -17.21 5.86
C ALA A 251 11.52 -18.15 4.69
N ASP A 252 10.50 -18.90 4.32
CA ASP A 252 10.60 -19.85 3.22
C ASP A 252 10.72 -19.11 1.89
N LYS A 253 10.02 -17.99 1.78
CA LYS A 253 10.07 -17.16 0.57
C LYS A 253 10.06 -15.67 0.92
N VAL A 254 11.04 -14.95 0.38
CA VAL A 254 11.10 -13.51 0.54
C VAL A 254 10.79 -12.82 -0.79
N VAL A 255 9.79 -11.94 -0.76
CA VAL A 255 9.36 -11.23 -1.95
C VAL A 255 9.44 -9.72 -1.76
N VAL A 256 9.97 -9.02 -2.75
CA VAL A 256 10.01 -7.56 -2.72
C VAL A 256 9.21 -7.01 -3.90
N ASP A 257 9.03 -5.69 -3.94
CA ASP A 257 8.36 -5.06 -5.08
C ASP A 257 9.37 -4.70 -6.15
N ASP A 258 10.50 -4.14 -5.72
CA ASP A 258 11.60 -3.82 -6.63
C ASP A 258 12.94 -4.00 -5.92
N TRP A 259 13.76 -4.91 -6.42
CA TRP A 259 15.04 -5.25 -5.80
C TRP A 259 15.97 -4.05 -5.64
N SER A 260 16.42 -3.50 -6.77
CA SER A 260 17.35 -2.37 -6.81
C SER A 260 16.90 -1.21 -5.92
N GLN A 261 15.60 -1.13 -5.69
CA GLN A 261 14.99 -0.10 -4.87
C GLN A 261 15.08 -0.45 -3.39
N CYS A 262 15.21 -1.74 -3.10
CA CYS A 262 15.25 -2.22 -1.73
C CYS A 262 16.65 -2.20 -1.11
N ASN A 263 17.67 -1.93 -1.91
CA ASN A 263 19.02 -1.85 -1.35
C ASN A 263 19.34 -0.45 -0.79
N LEU A 283 16.36 -14.54 -2.73
CA LEU A 283 15.12 -13.85 -3.04
C LEU A 283 14.23 -14.71 -3.92
N HIS A 284 13.00 -14.92 -3.50
CA HIS A 284 12.05 -15.73 -4.25
C HIS A 284 11.65 -15.04 -5.55
N ALA A 285 11.09 -13.85 -5.43
CA ALA A 285 10.63 -13.11 -6.61
C ALA A 285 10.37 -11.64 -6.32
N GLU A 286 10.29 -10.85 -7.39
CA GLU A 286 9.73 -9.51 -7.31
C GLU A 286 8.24 -9.64 -7.59
N LEU A 287 7.45 -8.75 -7.00
CA LEU A 287 5.99 -8.85 -7.06
C LEU A 287 5.44 -8.97 -8.48
N GLY A 288 6.06 -8.25 -9.43
CA GLY A 288 5.62 -8.28 -10.81
C GLY A 288 5.73 -9.65 -11.46
N GLN A 289 6.70 -10.44 -11.03
CA GLN A 289 6.91 -11.78 -11.58
C GLN A 289 5.88 -12.78 -11.08
N LEU A 290 5.24 -12.43 -9.97
CA LEU A 290 4.19 -13.27 -9.40
C LEU A 290 2.90 -13.11 -10.21
N VAL A 291 2.65 -11.90 -10.69
CA VAL A 291 1.43 -11.62 -11.43
C VAL A 291 1.50 -12.13 -12.88
N THR A 292 2.71 -12.30 -13.39
CA THR A 292 2.89 -12.76 -14.76
C THR A 292 3.01 -14.29 -14.81
N GLY A 293 3.13 -14.91 -13.64
CA GLY A 293 3.24 -16.35 -13.55
C GLY A 293 4.63 -16.86 -13.88
N ASP A 294 5.57 -15.93 -14.07
CA ASP A 294 6.96 -16.30 -14.36
C ASP A 294 7.60 -16.99 -13.17
N ILE A 295 7.12 -16.65 -11.98
CA ILE A 295 7.57 -17.30 -10.75
C ILE A 295 6.35 -17.58 -9.88
N PRO A 296 6.21 -18.83 -9.42
CA PRO A 296 5.05 -19.24 -8.62
C PRO A 296 5.01 -18.53 -7.26
N GLY A 297 3.82 -18.51 -6.66
CA GLY A 297 3.65 -17.93 -5.34
C GLY A 297 3.72 -19.00 -4.27
N ARG A 298 2.78 -18.95 -3.33
CA ARG A 298 2.67 -19.97 -2.29
C ARG A 298 2.44 -21.34 -2.91
N GLU A 299 3.18 -22.34 -2.43
CA GLU A 299 3.09 -23.69 -2.98
C GLU A 299 2.57 -24.73 -2.00
N ASP A 300 2.58 -24.37 -0.71
CA ASP A 300 1.91 -25.18 0.31
C ASP A 300 1.47 -24.32 1.50
N ASP A 301 0.55 -24.83 2.30
CA ASP A 301 -0.02 -24.05 3.40
C ASP A 301 0.83 -24.09 4.67
N ASP A 302 2.11 -24.37 4.52
CA ASP A 302 3.04 -24.39 5.63
C ASP A 302 4.13 -23.33 5.44
N GLU A 303 4.27 -22.87 4.21
CA GLU A 303 5.27 -21.85 3.88
C GLU A 303 5.02 -20.53 4.59
N ILE A 304 6.03 -20.02 5.27
CA ILE A 304 5.97 -18.68 5.84
C ILE A 304 6.56 -17.70 4.84
N ILE A 305 5.73 -16.81 4.33
CA ILE A 305 6.13 -15.92 3.24
C ILE A 305 6.18 -14.47 3.69
N LEU A 306 7.27 -13.78 3.33
CA LEU A 306 7.47 -12.39 3.72
C LEU A 306 7.53 -11.46 2.49
N LEU A 307 6.67 -10.44 2.50
CA LEU A 307 6.72 -9.42 1.46
C LEU A 307 7.33 -8.14 1.99
N ASN A 308 8.37 -7.65 1.31
CA ASN A 308 9.03 -6.41 1.71
C ASN A 308 8.94 -5.36 0.60
N PRO A 309 7.84 -4.60 0.58
CA PRO A 309 7.57 -3.60 -0.47
C PRO A 309 8.00 -2.20 -0.07
N MET A 310 9.00 -1.67 -0.77
CA MET A 310 9.47 -0.31 -0.51
C MET A 310 8.48 0.73 -1.03
N GLY A 311 7.67 0.34 -2.00
CA GLY A 311 6.73 1.24 -2.63
C GLY A 311 7.32 1.84 -3.90
N MET A 312 6.59 1.73 -5.00
CA MET A 312 7.09 2.18 -6.29
C MET A 312 6.25 3.32 -6.86
N ALA A 313 6.92 4.24 -7.56
CA ALA A 313 6.25 5.40 -8.15
C ALA A 313 5.27 5.00 -9.23
N ILE A 314 5.56 3.91 -9.93
CA ILE A 314 4.69 3.41 -10.99
C ILE A 314 3.35 2.96 -10.44
N GLU A 315 3.30 2.68 -9.14
CA GLU A 315 2.07 2.30 -8.47
C GLU A 315 1.16 3.51 -8.30
N ASP A 316 1.77 4.64 -7.94
CA ASP A 316 1.02 5.87 -7.73
C ASP A 316 0.57 6.47 -9.06
N ILE A 317 1.47 6.43 -10.04
CA ILE A 317 1.21 7.04 -11.33
C ILE A 317 0.15 6.28 -12.13
N SER A 318 0.22 4.95 -12.09
CA SER A 318 -0.77 4.13 -12.80
C SER A 318 -2.14 4.26 -12.14
N SER A 319 -2.16 4.29 -10.82
CA SER A 319 -3.40 4.46 -10.07
C SER A 319 -4.01 5.83 -10.36
N ALA A 320 -3.16 6.85 -10.37
CA ALA A 320 -3.62 8.22 -10.62
C ALA A 320 -4.18 8.36 -12.03
N TYR A 321 -3.46 7.82 -13.02
CA TYR A 321 -3.88 7.91 -14.41
C TYR A 321 -5.18 7.15 -14.64
N PHE A 322 -5.36 6.06 -13.89
CA PHE A 322 -6.57 5.27 -13.94
C PHE A 322 -7.75 6.10 -13.46
N ILE A 323 -7.59 6.71 -12.29
CA ILE A 323 -8.64 7.53 -11.67
C ILE A 323 -8.92 8.78 -12.49
N TYR A 324 -7.86 9.43 -12.95
CA TYR A 324 -7.96 10.64 -13.77
C TYR A 324 -8.82 10.42 -15.01
N GLN A 325 -8.66 9.26 -15.63
CA GLN A 325 -9.43 8.93 -16.83
C GLN A 325 -10.92 8.77 -16.54
N GLN A 326 -11.25 8.14 -15.41
CA GLN A 326 -12.64 7.96 -15.00
C GLN A 326 -13.27 9.29 -14.62
N ALA A 327 -12.47 10.17 -14.02
CA ALA A 327 -12.95 11.50 -13.64
C ALA A 327 -13.32 12.30 -14.89
N GLN A 328 -12.51 12.15 -15.95
CA GLN A 328 -12.78 12.81 -17.21
C GLN A 328 -14.07 12.28 -17.83
N GLN A 329 -14.31 10.99 -17.64
CA GLN A 329 -15.52 10.34 -18.15
C GLN A 329 -16.77 10.83 -17.44
N GLN A 330 -16.66 10.98 -16.12
CA GLN A 330 -17.80 11.40 -15.31
C GLN A 330 -17.81 12.90 -15.06
N ASN A 331 -16.98 13.63 -15.82
CA ASN A 331 -16.89 15.08 -15.71
C ASN A 331 -16.59 15.56 -14.30
N ILE A 332 -15.70 14.85 -13.61
CA ILE A 332 -15.35 15.19 -12.23
C ILE A 332 -14.01 15.93 -12.19
N GLY A 333 -13.97 17.03 -11.46
CA GLY A 333 -12.74 17.77 -11.27
C GLY A 333 -12.78 19.21 -11.74
N THR A 334 -11.79 19.98 -11.33
CA THR A 334 -11.67 21.38 -11.72
C THR A 334 -10.63 21.54 -12.82
N THR A 335 -11.06 22.08 -13.96
CA THR A 335 -10.15 22.32 -15.07
C THR A 335 -9.38 23.61 -14.86
N LEU A 336 -8.05 23.51 -14.90
CA LEU A 336 -7.19 24.66 -14.72
C LEU A 336 -6.51 25.01 -16.05
N ASN A 337 -6.17 26.28 -16.21
CA ASN A 337 -5.33 26.70 -17.33
C ASN A 337 -3.88 26.79 -16.88
N LEU A 338 -2.97 26.27 -17.71
CA LEU A 338 -1.56 26.26 -17.37
C LEU A 338 -0.95 27.65 -17.55
N TYR A 339 -1.34 28.32 -18.62
CA TYR A 339 -0.81 29.65 -18.95
C TYR A 339 -1.71 30.76 -18.42
PA NAI B . 0.28 7.18 11.34
O1A NAI B . 1.25 7.98 12.18
O2A NAI B . -1.07 7.88 11.31
O5B NAI B . 0.13 5.70 11.94
C5B NAI B . 1.05 5.31 12.96
C4B NAI B . 0.36 4.42 13.95
O4B NAI B . 1.18 3.21 14.17
C3B NAI B . 0.22 5.13 15.23
O3B NAI B . -1.10 4.87 15.78
C2B NAI B . 1.23 4.55 16.11
O2B NAI B . 0.82 4.62 17.50
C1B NAI B . 1.33 3.16 15.66
N9A NAI B . 2.54 2.57 16.03
C8A NAI B . 3.74 3.09 16.00
N7A NAI B . 4.67 2.54 16.33
C5A NAI B . 4.63 1.48 16.71
C6A NAI B . 5.22 0.23 17.25
N6A NAI B . 6.65 0.22 17.44
N1A NAI B . 4.62 -0.82 17.54
C2A NAI B . 3.49 -0.99 17.45
N3A NAI B . 2.67 -0.18 17.05
C4A NAI B . 2.97 1.13 16.61
O3 NAI B . 0.83 7.11 9.86
PN NAI B . 0.32 6.07 8.76
O1N NAI B . 0.13 6.81 7.46
O2N NAI B . -0.99 5.43 9.18
O5D NAI B . 1.42 4.90 8.57
C5D NAI B . 2.52 5.18 7.69
C4D NAI B . 3.51 4.08 7.76
O4D NAI B . 3.30 3.14 6.61
C3D NAI B . 4.84 4.68 7.63
O3D NAI B . 5.82 3.88 8.37
C2D NAI B . 5.13 4.62 6.21
O2D NAI B . 6.58 4.68 5.97
C1D NAI B . 4.58 3.32 5.82
N1N NAI B . 4.36 3.25 4.44
C2N NAI B . 4.84 2.42 3.44
C3N NAI B . 4.33 2.47 2.17
C7N NAI B . 4.92 1.52 1.14
O7N NAI B . 4.72 1.70 -0.06
N7N NAI B . 5.71 0.42 1.57
C4N NAI B . 3.14 3.45 1.76
C5N NAI B . 2.89 4.43 2.93
C6N NAI B . 3.47 4.31 4.18
CL CL C . 11.29 17.08 7.11
O01 AE5 D . 2.95 8.15 3.20
C02 AE5 D . 4.12 8.05 2.77
O03 AE5 D . 5.07 8.60 3.39
C04 AE5 D . 4.39 7.26 1.50
C05 AE5 D . 5.87 7.04 1.33
C06 AE5 D . 6.12 5.61 0.80
N07 AE5 D . 7.49 5.27 0.98
C08 AE5 D . 7.70 4.86 2.34
C09 AE5 D . 9.01 4.06 2.43
N10 AE5 D . 8.70 2.68 2.55
C11 AE5 D . 9.80 4.51 3.65
O12 AE5 D . 10.45 5.60 3.63
O13 AE5 D . 9.81 3.80 4.67
C14 AE5 D . 5.78 5.52 -0.66
O15 AE5 D . 6.16 4.51 -1.34
O16 AE5 D . 5.10 6.44 -1.22
#